data_6R09
#
_entry.id   6R09
#
_cell.length_a   58.105
_cell.length_b   58.105
_cell.length_c   397.072
_cell.angle_alpha   90.000
_cell.angle_beta   90.000
_cell.angle_gamma   120.000
#
_symmetry.space_group_name_H-M   'P 61 2 2'
#
loop_
_entity.id
_entity.type
_entity.pdbx_description
1 polymer 'Farnesyl diphosphate synthase'
2 non-polymer 2-[4-(1~{H}-indol-3-ylmethyl)piperazin-1-yl]-1,3-benzothiazole
3 non-polymer 'ZINC ION'
4 non-polymer 'SULFATE ION'
5 water water
#
_entity_poly.entity_id   1
_entity_poly.type   'polypeptide(L)'
_entity_poly.pdbx_seq_one_letter_code
;GPMASMERFLSVYDEVQAFLLDQLQSKYEIDPNRARYLRIMMDTTCLGGKYFRGMTVVNVAEGFLAVTQHDEATKERILH
DACVGGWMIEFLQAHYLVEDDIMDGSVMRRGKPCWYRFPGVTTQCAINDGIILKSWTQIMAWHYFADRPFLKDLLCLFQK
VDYATAVGQMYDVTSMCDSNKLDPEVAQPMTTDFAEFTPAIYKRIVKYKTTFYTYLLPLVMGLLVSEAAASVEMNLVERV
AHLIGEYFQVQDDVMDCFTPPEQLGKVGTDIEDAKCSWLAVTFLGKANAAQVAEFKANYGEKDPAKVAVVKRLYSKANLQ
ADFAAYEAEVVREVESLIEQLKVKSPTFAESVAVVWEKTHKRKK
;
_entity_poly.pdbx_strand_id   A
#
loop_
_chem_comp.id
_chem_comp.type
_chem_comp.name
_chem_comp.formula
JMK non-polymer 2-[4-(1~{H}-indol-3-ylmethyl)piperazin-1-yl]-1,3-benzothiazole 'C20 H20 N4 S'
SO4 non-polymer 'SULFATE ION' 'O4 S -2'
ZN non-polymer 'ZINC ION' 'Zn 2'
#
# COMPACT_ATOMS: atom_id res chain seq x y z
N ALA A 4 24.82 2.42 6.04
CA ALA A 4 23.49 2.17 6.58
C ALA A 4 22.59 1.51 5.54
N SER A 5 21.54 0.84 6.02
CA SER A 5 20.59 0.09 5.20
C SER A 5 19.87 0.98 4.22
N MET A 6 19.40 2.15 4.70
CA MET A 6 18.67 3.12 3.87
C MET A 6 19.55 3.62 2.75
N GLU A 7 20.83 3.91 3.07
CA GLU A 7 21.82 4.37 2.11
C GLU A 7 22.03 3.37 0.99
N ARG A 8 22.21 2.09 1.34
CA ARG A 8 22.36 1.08 0.31
C ARG A 8 21.08 1.01 -0.57
N PHE A 9 19.91 1.01 0.08
CA PHE A 9 18.64 0.94 -0.61
C PHE A 9 18.50 2.10 -1.60
N LEU A 10 18.76 3.34 -1.14
CA LEU A 10 18.67 4.50 -2.02
C LEU A 10 19.70 4.46 -3.14
N SER A 11 20.93 3.91 -2.90
CA SER A 11 21.95 3.77 -3.94
C SER A 11 21.52 2.83 -5.07
N VAL A 12 20.76 1.79 -4.71
CA VAL A 12 20.34 0.82 -5.70
C VAL A 12 19.26 1.47 -6.59
N TYR A 13 18.50 2.45 -6.08
CA TYR A 13 17.55 3.15 -6.96
C TYR A 13 18.30 3.74 -8.16
N ASP A 14 19.40 4.46 -7.90
CA ASP A 14 20.14 5.09 -8.99
C ASP A 14 20.69 4.06 -9.99
N GLU A 15 21.10 2.90 -9.48
CA GLU A 15 21.60 1.86 -10.35
C GLU A 15 20.46 1.28 -11.23
N VAL A 16 19.31 0.98 -10.63
CA VAL A 16 18.15 0.45 -11.37
C VAL A 16 17.66 1.47 -12.38
N GLN A 17 17.60 2.75 -12.02
CA GLN A 17 17.20 3.79 -12.96
C GLN A 17 18.14 3.81 -14.16
N ALA A 18 19.46 3.80 -13.89
CA ALA A 18 20.42 3.83 -15.00
C ALA A 18 20.26 2.60 -15.88
N PHE A 19 20.06 1.42 -15.29
CA PHE A 19 19.86 0.22 -16.10
C PHE A 19 18.63 0.36 -17.00
N LEU A 20 17.50 0.80 -16.43
CA LEU A 20 16.25 0.91 -17.21
C LEU A 20 16.38 1.91 -18.35
N LEU A 21 16.98 3.07 -18.07
CA LEU A 21 17.11 4.11 -19.09
C LEU A 21 18.14 3.75 -20.13
N ASP A 22 19.27 3.13 -19.71
CA ASP A 22 20.25 2.72 -20.71
C ASP A 22 19.67 1.65 -21.63
N GLN A 23 18.84 0.74 -21.11
CA GLN A 23 18.20 -0.31 -21.91
C GLN A 23 17.22 0.34 -22.91
N LEU A 24 16.51 1.41 -22.50
CA LEU A 24 15.60 2.08 -23.43
C LEU A 24 16.36 2.66 -24.61
N GLN A 25 17.55 3.16 -24.36
CA GLN A 25 18.41 3.69 -25.41
C GLN A 25 19.02 2.57 -26.30
N SER A 26 19.59 1.51 -25.71
CA SER A 26 20.26 0.45 -26.48
C SER A 26 19.33 -0.53 -27.19
N LYS A 27 18.11 -0.75 -26.64
CA LYS A 27 17.19 -1.73 -27.21
C LYS A 27 15.87 -1.17 -27.71
N TYR A 28 15.43 0.01 -27.21
CA TYR A 28 14.09 0.50 -27.55
C TYR A 28 14.08 1.76 -28.38
N GLU A 29 15.24 2.12 -28.96
CA GLU A 29 15.39 3.26 -29.86
C GLU A 29 14.91 4.57 -29.22
N ILE A 30 14.92 4.64 -27.88
CA ILE A 30 14.52 5.88 -27.25
C ILE A 30 15.49 6.98 -27.59
N ASP A 31 14.95 8.19 -27.65
CA ASP A 31 15.71 9.41 -27.89
C ASP A 31 15.96 10.06 -26.50
N PRO A 32 16.97 10.94 -26.37
CA PRO A 32 17.28 11.54 -25.05
C PRO A 32 16.15 12.34 -24.38
N ASN A 33 15.29 12.98 -25.16
CA ASN A 33 14.22 13.78 -24.56
C ASN A 33 13.13 12.92 -23.90
N ARG A 34 12.79 11.81 -24.55
CA ARG A 34 11.81 10.89 -23.97
C ARG A 34 12.46 10.14 -22.80
N ALA A 35 13.77 9.89 -22.83
CA ALA A 35 14.44 9.23 -21.71
C ALA A 35 14.42 10.18 -20.52
N ARG A 36 14.63 11.49 -20.76
CA ARG A 36 14.53 12.47 -19.68
C ARG A 36 13.11 12.54 -19.10
N TYR A 37 12.09 12.53 -19.97
CA TYR A 37 10.71 12.56 -19.48
C TYR A 37 10.53 11.34 -18.53
N LEU A 38 10.96 10.14 -18.97
CA LEU A 38 10.76 8.93 -18.14
C LEU A 38 11.58 8.95 -16.86
N ARG A 39 12.77 9.55 -16.87
CA ARG A 39 13.58 9.71 -15.67
C ARG A 39 12.86 10.60 -14.67
N ILE A 40 12.31 11.73 -15.14
CA ILE A 40 11.57 12.62 -14.27
C ILE A 40 10.29 11.93 -13.75
N MET A 41 9.59 11.19 -14.62
CA MET A 41 8.40 10.48 -14.18
C MET A 41 8.78 9.46 -13.09
N MET A 42 9.86 8.70 -13.29
CA MET A 42 10.28 7.72 -12.31
C MET A 42 10.57 8.41 -10.96
N ASP A 43 11.37 9.48 -10.99
CA ASP A 43 11.70 10.17 -9.75
C ASP A 43 10.48 10.74 -9.04
N THR A 44 9.58 11.34 -9.83
CA THR A 44 8.42 11.99 -9.23
C THR A 44 7.44 11.02 -8.63
N THR A 45 7.31 9.86 -9.26
CA THR A 45 6.31 8.90 -8.83
C THR A 45 6.85 7.87 -7.82
N CYS A 46 8.15 7.61 -7.84
CA CYS A 46 8.76 6.56 -7.00
C CYS A 46 9.39 7.09 -5.74
N LEU A 47 9.82 8.37 -5.74
CA LEU A 47 10.57 8.91 -4.61
C LEU A 47 9.74 9.85 -3.78
N GLY A 48 10.16 10.07 -2.54
CA GLY A 48 9.47 11.05 -1.68
C GLY A 48 8.62 10.50 -0.57
N GLY A 49 8.42 9.17 -0.57
CA GLY A 49 7.70 8.49 0.49
C GLY A 49 8.69 8.09 1.56
N LYS A 50 8.29 7.21 2.46
CA LYS A 50 9.19 6.77 3.53
C LYS A 50 9.93 5.47 3.20
N TYR A 51 9.57 4.85 2.05
CA TYR A 51 10.15 3.58 1.58
C TYR A 51 9.93 2.46 2.57
N PHE A 52 8.83 2.47 3.30
CA PHE A 52 8.55 1.43 4.27
C PHE A 52 8.47 0.03 3.66
N ARG A 53 7.81 -0.10 2.51
CA ARG A 53 7.65 -1.40 1.89
C ARG A 53 8.98 -1.95 1.40
N GLY A 54 9.72 -1.14 0.66
CA GLY A 54 11.02 -1.59 0.17
C GLY A 54 12.01 -1.88 1.28
N MET A 55 12.02 -1.05 2.31
CA MET A 55 12.93 -1.25 3.43
C MET A 55 12.58 -2.47 4.26
N THR A 56 11.31 -2.92 4.28
CA THR A 56 10.93 -4.15 5.00
C THR A 56 11.69 -5.34 4.34
N VAL A 57 11.78 -5.37 2.99
CA VAL A 57 12.50 -6.46 2.34
C VAL A 57 13.97 -6.49 2.81
N VAL A 58 14.61 -5.31 2.83
CA VAL A 58 15.98 -5.18 3.24
C VAL A 58 16.14 -5.61 4.71
N ASN A 59 15.23 -5.17 5.59
CA ASN A 59 15.35 -5.49 7.01
C ASN A 59 15.20 -7.00 7.27
N VAL A 60 14.25 -7.65 6.56
CA VAL A 60 14.05 -9.09 6.73
C VAL A 60 15.34 -9.80 6.30
N ALA A 61 15.92 -9.40 5.16
CA ALA A 61 17.14 -10.04 4.68
C ALA A 61 18.31 -9.79 5.61
N GLU A 62 18.42 -8.56 6.17
CA GLU A 62 19.51 -8.29 7.12
C GLU A 62 19.41 -9.18 8.34
N GLY A 63 18.19 -9.44 8.80
CA GLY A 63 17.99 -10.27 9.99
C GLY A 63 18.57 -11.65 9.79
N PHE A 64 18.29 -12.25 8.60
CA PHE A 64 18.79 -13.58 8.29
C PHE A 64 20.30 -13.56 8.08
N LEU A 65 20.85 -12.48 7.53
CA LEU A 65 22.30 -12.42 7.32
C LEU A 65 23.07 -12.50 8.60
N ALA A 66 22.50 -11.98 9.68
CA ALA A 66 23.14 -11.96 10.97
C ALA A 66 23.23 -13.34 11.62
N VAL A 67 22.44 -14.33 11.15
CA VAL A 67 22.40 -15.66 11.74
C VAL A 67 22.80 -16.79 10.78
N THR A 68 23.16 -16.46 9.55
CA THR A 68 23.47 -17.45 8.52
C THR A 68 24.92 -17.31 8.01
N GLN A 69 25.60 -18.44 7.76
CA GLN A 69 26.98 -18.48 7.28
C GLN A 69 26.98 -18.19 5.78
N HIS A 70 27.73 -17.16 5.36
CA HIS A 70 27.85 -16.84 3.94
C HIS A 70 29.20 -16.21 3.69
N ASP A 71 29.73 -16.38 2.47
CA ASP A 71 30.89 -15.60 2.06
C ASP A 71 30.42 -14.12 1.97
N GLU A 72 31.39 -13.20 2.12
CA GLU A 72 31.10 -11.76 2.02
C GLU A 72 30.41 -11.43 0.68
N ALA A 73 30.87 -12.01 -0.44
CA ALA A 73 30.27 -11.75 -1.75
C ALA A 73 28.81 -12.20 -1.79
N THR A 74 28.48 -13.27 -1.05
CA THR A 74 27.11 -13.77 -1.02
C THR A 74 26.27 -12.82 -0.19
N LYS A 75 26.81 -12.31 0.94
CA LYS A 75 26.07 -11.33 1.75
C LYS A 75 25.71 -10.09 0.91
N GLU A 76 26.66 -9.61 0.12
CA GLU A 76 26.47 -8.45 -0.74
C GLU A 76 25.43 -8.75 -1.78
N ARG A 77 25.47 -9.95 -2.40
CA ARG A 77 24.48 -10.34 -3.41
C ARG A 77 23.08 -10.39 -2.80
N ILE A 78 22.93 -10.97 -1.61
CA ILE A 78 21.61 -11.06 -0.97
C ILE A 78 21.08 -9.67 -0.66
N LEU A 79 21.93 -8.79 -0.11
CA LEU A 79 21.48 -7.42 0.16
C LEU A 79 21.12 -6.67 -1.10
N HIS A 80 21.86 -6.85 -2.18
CA HIS A 80 21.55 -6.20 -3.44
C HIS A 80 20.22 -6.74 -3.96
N ASP A 81 19.98 -8.05 -3.84
CA ASP A 81 18.70 -8.62 -4.30
C ASP A 81 17.55 -8.09 -3.45
N ALA A 82 17.75 -7.93 -2.14
CA ALA A 82 16.71 -7.41 -1.26
C ALA A 82 16.38 -5.97 -1.66
N CYS A 83 17.39 -5.18 -2.03
CA CYS A 83 17.16 -3.79 -2.47
C CYS A 83 16.40 -3.76 -3.76
N VAL A 84 16.78 -4.60 -4.75
CA VAL A 84 16.06 -4.63 -6.03
C VAL A 84 14.62 -5.07 -5.81
N GLY A 85 14.42 -6.08 -4.98
CA GLY A 85 13.08 -6.56 -4.68
C GLY A 85 12.25 -5.47 -4.02
N GLY A 86 12.88 -4.76 -3.10
CA GLY A 86 12.23 -3.63 -2.43
C GLY A 86 11.80 -2.58 -3.43
N TRP A 87 12.64 -2.29 -4.42
CA TRP A 87 12.29 -1.31 -5.45
C TRP A 87 11.20 -1.84 -6.35
N MET A 88 11.12 -3.14 -6.56
CA MET A 88 9.99 -3.67 -7.34
C MET A 88 8.69 -3.30 -6.61
N ILE A 89 8.69 -3.42 -5.29
CA ILE A 89 7.45 -3.08 -4.54
C ILE A 89 7.21 -1.59 -4.57
N GLU A 90 8.24 -0.77 -4.43
CA GLU A 90 8.01 0.68 -4.45
C GLU A 90 7.51 1.09 -5.84
N PHE A 91 7.96 0.45 -6.92
CA PHE A 91 7.51 0.82 -8.26
C PHE A 91 6.09 0.32 -8.49
N LEU A 92 5.71 -0.79 -7.86
CA LEU A 92 4.35 -1.31 -7.93
C LEU A 92 3.42 -0.31 -7.21
N GLN A 93 3.85 0.18 -6.06
CA GLN A 93 3.08 1.16 -5.33
C GLN A 93 2.94 2.41 -6.21
N ALA A 94 4.03 2.84 -6.85
CA ALA A 94 4.00 4.04 -7.71
C ALA A 94 2.96 3.89 -8.82
N HIS A 95 2.87 2.72 -9.44
CA HIS A 95 1.87 2.41 -10.44
C HIS A 95 0.47 2.60 -9.85
N TYR A 96 0.18 1.99 -8.71
N TYR A 96 0.22 2.02 -8.67
CA TYR A 96 -1.16 2.14 -8.15
CA TYR A 96 -1.09 2.14 -8.00
C TYR A 96 -1.48 3.56 -7.68
C TYR A 96 -1.44 3.56 -7.75
N LEU A 97 -0.50 4.33 -7.21
CA LEU A 97 -0.77 5.73 -6.85
C LEU A 97 -1.06 6.58 -8.04
N VAL A 98 -0.33 6.39 -9.13
CA VAL A 98 -0.55 7.18 -10.34
C VAL A 98 -1.95 6.90 -10.85
N GLU A 99 -2.33 5.62 -10.97
CA GLU A 99 -3.63 5.27 -11.52
C GLU A 99 -4.75 5.61 -10.58
N ASP A 100 -4.59 5.40 -9.28
N ASP A 100 -4.57 5.43 -9.27
CA ASP A 100 -5.65 5.71 -8.33
CA ASP A 100 -5.58 5.75 -8.29
C ASP A 100 -5.89 7.21 -8.21
C ASP A 100 -5.89 7.22 -8.33
N ASP A 101 -4.84 8.05 -8.39
CA ASP A 101 -5.02 9.48 -8.37
C ASP A 101 -5.83 9.94 -9.59
N ILE A 102 -5.60 9.32 -10.76
CA ILE A 102 -6.41 9.65 -11.94
C ILE A 102 -7.83 9.17 -11.71
N MET A 103 -8.01 7.91 -11.28
CA MET A 103 -9.34 7.37 -11.08
C MET A 103 -10.16 8.22 -10.12
N ASP A 104 -9.55 8.71 -9.03
CA ASP A 104 -10.26 9.46 -7.98
C ASP A 104 -10.30 10.94 -8.21
N GLY A 105 -9.65 11.45 -9.25
CA GLY A 105 -9.58 12.88 -9.52
C GLY A 105 -8.88 13.64 -8.42
N SER A 106 -7.87 13.00 -7.81
CA SER A 106 -7.11 13.59 -6.72
C SER A 106 -6.28 14.76 -7.16
N VAL A 107 -6.00 15.68 -6.24
CA VAL A 107 -5.29 16.90 -6.55
C VAL A 107 -3.84 16.86 -6.12
N MET A 108 -3.56 16.39 -4.90
CA MET A 108 -2.21 16.36 -4.37
C MET A 108 -1.84 14.97 -3.86
N ARG A 109 -0.53 14.66 -3.82
CA ARG A 109 0.08 13.38 -3.37
C ARG A 109 1.53 13.70 -2.91
N ARG A 110 1.96 13.18 -1.73
CA ARG A 110 3.32 13.37 -1.17
C ARG A 110 3.75 14.88 -1.17
N GLY A 111 2.79 15.77 -0.87
CA GLY A 111 2.95 17.22 -0.81
C GLY A 111 3.03 18.00 -2.11
N LYS A 112 2.92 17.30 -3.26
CA LYS A 112 3.03 17.91 -4.60
C LYS A 112 1.79 17.58 -5.46
N PRO A 113 1.58 18.18 -6.66
CA PRO A 113 0.45 17.77 -7.48
C PRO A 113 0.57 16.31 -7.91
N CYS A 114 -0.59 15.69 -8.08
CA CYS A 114 -0.60 14.32 -8.62
C CYS A 114 0.05 14.34 -9.98
N TRP A 115 0.68 13.21 -10.36
CA TRP A 115 1.45 13.16 -11.61
C TRP A 115 0.65 13.60 -12.83
N TYR A 116 -0.59 13.14 -12.95
CA TYR A 116 -1.40 13.48 -14.12
C TYR A 116 -1.64 14.97 -14.26
N ARG A 117 -1.55 15.72 -13.13
CA ARG A 117 -1.80 17.16 -13.11
C ARG A 117 -0.61 17.98 -13.51
N PHE A 118 0.57 17.37 -13.70
CA PHE A 118 1.71 18.14 -14.16
C PHE A 118 1.37 18.67 -15.57
N PRO A 119 1.73 19.93 -15.89
CA PRO A 119 1.28 20.54 -17.15
C PRO A 119 1.62 19.79 -18.43
N GLY A 120 2.81 19.21 -18.47
CA GLY A 120 3.28 18.48 -19.64
C GLY A 120 3.06 16.99 -19.57
N VAL A 121 2.22 16.52 -18.65
CA VAL A 121 1.90 15.10 -18.50
C VAL A 121 0.51 14.88 -19.06
N THR A 122 -0.55 15.28 -18.32
CA THR A 122 -1.97 15.09 -18.67
C THR A 122 -2.36 13.62 -18.47
N THR A 123 -3.68 13.39 -18.39
CA THR A 123 -4.20 12.05 -18.19
C THR A 123 -3.83 11.15 -19.35
N GLN A 124 -3.78 11.67 -20.56
CA GLN A 124 -3.45 10.85 -21.70
C GLN A 124 -2.09 10.20 -21.55
N CYS A 125 -1.11 10.91 -21.02
CA CYS A 125 0.19 10.30 -20.80
C CYS A 125 0.25 9.58 -19.50
N ALA A 126 -0.36 10.10 -18.44
CA ALA A 126 -0.20 9.52 -17.11
C ALA A 126 -0.72 8.11 -16.97
N ILE A 127 -1.83 7.78 -17.64
CA ILE A 127 -2.32 6.41 -17.57
C ILE A 127 -1.22 5.47 -18.08
N ASN A 128 -0.60 5.81 -19.21
CA ASN A 128 0.44 4.97 -19.77
C ASN A 128 1.70 4.99 -18.92
N ASP A 129 2.04 6.14 -18.31
CA ASP A 129 3.20 6.17 -17.41
C ASP A 129 3.01 5.22 -16.26
N GLY A 130 1.78 5.13 -15.75
CA GLY A 130 1.46 4.17 -14.68
C GLY A 130 1.65 2.73 -15.15
N ILE A 131 1.28 2.45 -16.40
CA ILE A 131 1.48 1.11 -16.99
C ILE A 131 2.99 0.81 -17.07
N ILE A 132 3.79 1.78 -17.50
CA ILE A 132 5.24 1.59 -17.58
C ILE A 132 5.81 1.33 -16.21
N LEU A 133 5.36 2.03 -15.16
CA LEU A 133 5.91 1.78 -13.82
C LEU A 133 5.77 0.32 -13.44
N LYS A 134 4.58 -0.28 -13.68
CA LYS A 134 4.49 -1.71 -13.35
C LYS A 134 5.31 -2.57 -14.29
N SER A 135 5.40 -2.23 -15.56
CA SER A 135 6.23 -3.05 -16.46
C SER A 135 7.70 -3.04 -15.98
N TRP A 136 8.18 -1.89 -15.47
CA TRP A 136 9.53 -1.81 -14.95
C TRP A 136 9.77 -2.81 -13.82
N THR A 137 8.76 -3.12 -13.01
CA THR A 137 8.98 -4.11 -11.93
C THR A 137 9.37 -5.46 -12.50
N GLN A 138 8.78 -5.83 -13.65
CA GLN A 138 9.09 -7.10 -14.27
C GLN A 138 10.43 -7.05 -14.98
N ILE A 139 10.77 -5.92 -15.64
CA ILE A 139 12.06 -5.82 -16.29
C ILE A 139 13.15 -5.96 -15.25
N MET A 140 13.00 -5.36 -14.05
CA MET A 140 13.95 -5.49 -12.93
C MET A 140 14.12 -6.94 -12.56
N ALA A 141 13.01 -7.63 -12.32
CA ALA A 141 13.08 -9.00 -11.84
C ALA A 141 13.80 -9.91 -12.83
N TRP A 142 13.42 -9.84 -14.11
CA TRP A 142 14.04 -10.72 -15.11
C TRP A 142 15.49 -10.40 -15.31
N HIS A 143 15.89 -9.13 -15.19
CA HIS A 143 17.31 -8.79 -15.36
C HIS A 143 18.14 -9.17 -14.13
N TYR A 144 17.76 -8.67 -12.95
CA TYR A 144 18.59 -8.90 -11.78
C TYR A 144 18.49 -10.29 -11.21
N PHE A 145 17.34 -10.95 -11.42
CA PHE A 145 17.14 -12.26 -10.82
C PHE A 145 17.14 -13.41 -11.79
N ALA A 146 17.63 -13.15 -13.02
CA ALA A 146 17.69 -14.14 -14.11
C ALA A 146 18.14 -15.54 -13.70
N ASP A 147 19.20 -15.62 -12.92
CA ASP A 147 19.73 -16.93 -12.54
C ASP A 147 19.45 -17.35 -11.11
N ARG A 148 18.49 -16.69 -10.46
CA ARG A 148 18.22 -16.97 -9.06
C ARG A 148 17.25 -18.10 -8.89
N PRO A 149 17.47 -18.92 -7.86
CA PRO A 149 16.55 -20.03 -7.62
C PRO A 149 15.15 -19.57 -7.25
N PHE A 150 15.03 -18.36 -6.71
CA PHE A 150 13.77 -17.87 -6.24
C PHE A 150 12.96 -17.10 -7.27
N LEU A 151 13.47 -16.94 -8.49
CA LEU A 151 12.78 -16.14 -9.51
C LEU A 151 11.35 -16.59 -9.73
N LYS A 152 11.13 -17.89 -9.92
CA LYS A 152 9.81 -18.39 -10.19
C LYS A 152 8.84 -18.06 -9.03
N ASP A 153 9.22 -18.37 -7.78
CA ASP A 153 8.35 -18.08 -6.65
C ASP A 153 8.10 -16.61 -6.49
N LEU A 154 9.13 -15.81 -6.71
CA LEU A 154 8.99 -14.37 -6.57
C LEU A 154 8.00 -13.81 -7.59
N LEU A 155 8.16 -14.20 -8.87
CA LEU A 155 7.22 -13.68 -9.89
C LEU A 155 5.80 -14.15 -9.65
N CYS A 156 5.63 -15.40 -9.20
CA CYS A 156 4.30 -15.91 -8.93
C CYS A 156 3.64 -15.18 -7.77
N LEU A 157 4.39 -14.94 -6.71
CA LEU A 157 3.91 -14.17 -5.54
C LEU A 157 3.53 -12.74 -5.97
N PHE A 158 4.42 -12.09 -6.72
CA PHE A 158 4.21 -10.73 -7.12
C PHE A 158 2.92 -10.58 -7.93
N GLN A 159 2.69 -11.50 -8.85
CA GLN A 159 1.50 -11.47 -9.66
C GLN A 159 0.22 -11.68 -8.85
N LYS A 160 0.27 -12.61 -7.90
CA LYS A 160 -0.91 -12.85 -7.05
C LYS A 160 -1.20 -11.63 -6.21
N VAL A 161 -0.17 -10.97 -5.68
CA VAL A 161 -0.33 -9.78 -4.86
C VAL A 161 -0.90 -8.64 -5.71
N ASP A 162 -0.39 -8.48 -6.95
CA ASP A 162 -0.88 -7.43 -7.82
C ASP A 162 -2.34 -7.64 -8.17
N TYR A 163 -2.72 -8.86 -8.50
CA TYR A 163 -4.11 -9.16 -8.80
C TYR A 163 -5.01 -8.91 -7.58
N ALA A 164 -4.61 -9.35 -6.39
CA ALA A 164 -5.39 -9.10 -5.18
C ALA A 164 -5.58 -7.61 -4.98
N THR A 165 -4.56 -6.79 -5.26
CA THR A 165 -4.61 -5.34 -5.08
C THR A 165 -5.63 -4.73 -6.04
N ALA A 166 -5.60 -5.15 -7.33
CA ALA A 166 -6.57 -4.64 -8.30
C ALA A 166 -8.00 -5.04 -7.91
N VAL A 167 -8.17 -6.25 -7.41
CA VAL A 167 -9.50 -6.64 -6.93
C VAL A 167 -9.90 -5.75 -5.73
N GLY A 168 -8.95 -5.45 -4.85
CA GLY A 168 -9.20 -4.57 -3.71
C GLY A 168 -9.60 -3.17 -4.15
N GLN A 169 -9.01 -2.65 -5.22
CA GLN A 169 -9.37 -1.33 -5.73
C GLN A 169 -10.82 -1.37 -6.22
N MET A 170 -11.23 -2.45 -6.87
CA MET A 170 -12.61 -2.60 -7.31
C MET A 170 -13.53 -2.57 -6.05
N TYR A 171 -13.17 -3.35 -5.00
CA TYR A 171 -13.99 -3.34 -3.76
C TYR A 171 -14.08 -1.94 -3.18
N ASP A 172 -13.00 -1.16 -3.25
CA ASP A 172 -12.95 0.17 -2.66
C ASP A 172 -13.81 1.14 -3.44
N VAL A 173 -13.65 1.20 -4.75
CA VAL A 173 -14.35 2.20 -5.57
C VAL A 173 -15.84 1.94 -5.65
N THR A 174 -16.27 0.70 -5.37
CA THR A 174 -17.71 0.35 -5.40
C THR A 174 -18.28 0.17 -4.01
N SER A 175 -17.57 0.58 -2.96
CA SER A 175 -18.01 0.36 -1.58
C SER A 175 -19.19 1.18 -1.13
N MET A 176 -19.52 2.23 -1.89
CA MET A 176 -20.64 3.11 -1.58
C MET A 176 -21.85 2.82 -2.43
N CYS A 177 -21.81 1.77 -3.23
CA CYS A 177 -22.94 1.36 -4.05
C CYS A 177 -23.60 0.16 -3.41
N ASP A 178 -24.89 -0.12 -3.72
CA ASP A 178 -25.51 -1.35 -3.22
C ASP A 178 -25.11 -2.44 -4.16
N SER A 179 -24.61 -3.56 -3.62
CA SER A 179 -24.10 -4.66 -4.46
C SER A 179 -25.14 -5.16 -5.46
N ASN A 180 -26.42 -5.27 -5.04
CA ASN A 180 -27.46 -5.77 -5.93
C ASN A 180 -27.80 -4.84 -7.09
N LYS A 181 -27.33 -3.57 -7.05
CA LYS A 181 -27.56 -2.59 -8.12
C LYS A 181 -26.38 -2.48 -9.09
N LEU A 182 -25.20 -3.11 -8.81
CA LEU A 182 -24.05 -3.03 -9.73
C LEU A 182 -24.44 -3.54 -11.08
N ASP A 183 -24.18 -2.75 -12.12
CA ASP A 183 -24.59 -3.09 -13.47
C ASP A 183 -23.86 -2.14 -14.39
N PRO A 184 -22.97 -2.65 -15.25
CA PRO A 184 -22.30 -1.76 -16.21
C PRO A 184 -23.22 -0.88 -17.05
N GLU A 185 -24.45 -1.33 -17.31
CA GLU A 185 -25.40 -0.62 -18.16
C GLU A 185 -26.15 0.51 -17.46
N VAL A 186 -26.06 0.60 -16.14
CA VAL A 186 -26.87 1.56 -15.36
C VAL A 186 -26.03 2.43 -14.45
N ALA A 187 -26.20 3.75 -14.53
CA ALA A 187 -25.41 4.64 -13.67
C ALA A 187 -25.68 4.34 -12.23
N GLN A 188 -24.60 4.31 -11.46
CA GLN A 188 -24.69 3.82 -10.10
C GLN A 188 -25.10 4.81 -9.05
N PRO A 189 -26.24 4.60 -8.35
CA PRO A 189 -26.57 5.51 -7.28
C PRO A 189 -25.81 5.14 -6.01
N MET A 190 -25.57 6.13 -5.16
CA MET A 190 -24.97 5.90 -3.86
C MET A 190 -26.01 5.16 -2.99
N THR A 191 -25.52 4.29 -2.11
CA THR A 191 -26.38 3.59 -1.15
C THR A 191 -27.14 4.62 -0.32
N THR A 192 -28.37 4.26 0.06
CA THR A 192 -29.14 5.09 0.97
C THR A 192 -29.24 4.43 2.32
N ASP A 193 -29.15 3.07 2.37
CA ASP A 193 -29.28 2.37 3.65
C ASP A 193 -27.97 2.14 4.38
N PHE A 194 -26.82 2.20 3.66
CA PHE A 194 -25.50 1.96 4.25
C PHE A 194 -25.45 0.58 4.91
N ALA A 195 -26.25 -0.38 4.43
CA ALA A 195 -26.24 -1.72 5.02
C ALA A 195 -24.94 -2.46 4.78
N GLU A 196 -24.19 -2.07 3.77
CA GLU A 196 -22.92 -2.70 3.47
C GLU A 196 -21.71 -1.98 4.15
N PHE A 197 -21.99 -1.06 5.08
CA PHE A 197 -20.93 -0.43 5.86
C PHE A 197 -20.81 -1.22 7.14
N THR A 198 -20.20 -2.41 7.06
CA THR A 198 -20.05 -3.30 8.21
C THR A 198 -18.59 -3.58 8.43
N PRO A 199 -18.23 -4.02 9.66
CA PRO A 199 -16.83 -4.41 9.90
C PRO A 199 -16.33 -5.50 8.95
N ALA A 200 -17.13 -6.55 8.64
CA ALA A 200 -16.65 -7.60 7.72
C ALA A 200 -16.41 -7.12 6.30
N ILE A 201 -17.26 -6.19 5.82
CA ILE A 201 -17.12 -5.69 4.45
C ILE A 201 -15.93 -4.73 4.40
N TYR A 202 -15.77 -3.90 5.41
CA TYR A 202 -14.63 -3.01 5.53
C TYR A 202 -13.34 -3.84 5.55
N LYS A 203 -13.32 -4.93 6.36
CA LYS A 203 -12.14 -5.77 6.45
C LYS A 203 -11.81 -6.40 5.10
N ARG A 204 -12.83 -6.76 4.28
CA ARG A 204 -12.53 -7.32 2.95
C ARG A 204 -11.88 -6.24 2.06
N ILE A 205 -12.42 -5.03 2.05
CA ILE A 205 -11.85 -3.98 1.23
C ILE A 205 -10.39 -3.79 1.56
N VAL A 206 -10.09 -3.62 2.86
CA VAL A 206 -8.75 -3.32 3.27
C VAL A 206 -7.76 -4.46 3.02
N LYS A 207 -8.22 -5.70 3.30
CA LYS A 207 -7.39 -6.87 3.12
C LYS A 207 -6.82 -6.89 1.70
N TYR A 208 -7.69 -6.68 0.72
CA TYR A 208 -7.28 -6.75 -0.67
C TYR A 208 -6.64 -5.48 -1.18
N LYS A 209 -7.15 -4.30 -0.85
CA LYS A 209 -6.60 -3.10 -1.46
C LYS A 209 -5.24 -2.65 -0.92
N THR A 210 -4.93 -3.03 0.34
CA THR A 210 -3.71 -2.56 0.98
C THR A 210 -2.81 -3.65 1.53
N THR A 211 -3.38 -4.65 2.21
CA THR A 211 -2.49 -5.51 3.01
C THR A 211 -1.60 -6.41 2.23
N PHE A 212 -2.05 -6.95 1.09
CA PHE A 212 -1.20 -7.86 0.32
C PHE A 212 0.06 -7.16 -0.16
N TYR A 213 -0.05 -5.95 -0.71
CA TYR A 213 1.14 -5.30 -1.26
C TYR A 213 1.95 -4.52 -0.24
N THR A 214 1.33 -4.07 0.89
CA THR A 214 2.05 -3.26 1.85
C THR A 214 2.78 -4.10 2.91
N TYR A 215 2.19 -5.26 3.29
CA TYR A 215 2.80 -6.09 4.33
C TYR A 215 3.13 -7.48 3.88
N LEU A 216 2.22 -8.19 3.21
CA LEU A 216 2.53 -9.54 2.83
C LEU A 216 3.68 -9.65 1.83
N LEU A 217 3.62 -8.84 0.78
CA LEU A 217 4.65 -8.93 -0.26
C LEU A 217 6.02 -8.55 0.26
N PRO A 218 6.23 -7.45 1.02
CA PRO A 218 7.60 -7.18 1.49
C PRO A 218 8.14 -8.26 2.43
N LEU A 219 7.28 -8.78 3.33
CA LEU A 219 7.76 -9.83 4.25
C LEU A 219 8.15 -11.09 3.50
N VAL A 220 7.30 -11.55 2.59
CA VAL A 220 7.60 -12.79 1.88
C VAL A 220 8.76 -12.59 0.90
N MET A 221 8.85 -11.43 0.26
CA MET A 221 9.96 -11.19 -0.64
C MET A 221 11.27 -11.21 0.13
N GLY A 222 11.27 -10.68 1.36
CA GLY A 222 12.48 -10.75 2.18
C GLY A 222 12.89 -12.19 2.48
N LEU A 223 11.88 -13.05 2.71
CA LEU A 223 12.15 -14.48 2.93
C LEU A 223 12.68 -15.14 1.65
N LEU A 224 12.11 -14.79 0.49
CA LEU A 224 12.52 -15.41 -0.77
C LEU A 224 13.95 -15.07 -1.17
N VAL A 225 14.35 -13.80 -1.06
CA VAL A 225 15.71 -13.43 -1.45
C VAL A 225 16.72 -14.01 -0.46
N SER A 226 16.25 -14.39 0.74
CA SER A 226 17.08 -15.00 1.77
C SER A 226 17.05 -16.53 1.70
N GLU A 227 16.27 -17.13 0.78
N GLU A 227 16.22 -17.10 0.79
CA GLU A 227 16.13 -18.60 0.69
CA GLU A 227 16.00 -18.55 0.66
C GLU A 227 15.72 -19.14 2.07
C GLU A 227 15.66 -19.15 2.02
N ALA A 228 14.75 -18.45 2.73
CA ALA A 228 14.34 -18.74 4.09
C ALA A 228 12.85 -19.00 4.26
N ALA A 229 12.08 -19.11 3.16
CA ALA A 229 10.62 -19.32 3.25
C ALA A 229 10.24 -20.64 3.88
N ALA A 230 10.92 -21.73 3.46
CA ALA A 230 10.70 -23.07 4.01
C ALA A 230 11.43 -23.21 5.37
N SER A 231 11.15 -22.25 6.28
CA SER A 231 11.66 -22.14 7.64
C SER A 231 10.62 -21.43 8.55
N VAL A 232 9.65 -20.69 7.95
CA VAL A 232 8.56 -19.97 8.63
C VAL A 232 7.23 -20.69 8.34
N GLU A 233 6.22 -20.47 9.18
CA GLU A 233 4.88 -20.99 8.94
C GLU A 233 4.16 -19.92 8.08
N MET A 234 3.93 -20.18 6.76
CA MET A 234 3.28 -19.20 5.87
C MET A 234 1.91 -18.73 6.34
N ASN A 235 1.09 -19.63 6.97
CA ASN A 235 -0.23 -19.19 7.43
C ASN A 235 -0.13 -18.12 8.52
N LEU A 236 0.95 -18.16 9.35
CA LEU A 236 1.15 -17.14 10.39
C LEU A 236 1.59 -15.83 9.73
N VAL A 237 2.46 -15.91 8.71
CA VAL A 237 2.91 -14.71 8.01
C VAL A 237 1.71 -13.97 7.39
N GLU A 238 0.81 -14.72 6.76
CA GLU A 238 -0.39 -14.14 6.15
C GLU A 238 -1.27 -13.55 7.22
N ARG A 239 -1.49 -14.27 8.33
CA ARG A 239 -2.33 -13.76 9.40
C ARG A 239 -1.78 -12.46 10.00
N VAL A 240 -0.47 -12.40 10.26
CA VAL A 240 0.10 -11.17 10.86
C VAL A 240 0.14 -10.01 9.85
N ALA A 241 0.42 -10.31 8.56
CA ALA A 241 0.42 -9.27 7.53
C ALA A 241 -0.97 -8.65 7.39
N HIS A 242 -2.02 -9.49 7.38
CA HIS A 242 -3.39 -9.00 7.18
C HIS A 242 -3.87 -8.20 8.43
N LEU A 243 -3.38 -8.53 9.61
CA LEU A 243 -3.70 -7.84 10.85
C LEU A 243 -3.01 -6.45 10.94
N ILE A 244 -1.68 -6.41 10.71
CA ILE A 244 -0.96 -5.14 10.74
C ILE A 244 -1.45 -4.22 9.60
N GLY A 245 -1.72 -4.82 8.44
CA GLY A 245 -2.20 -4.08 7.27
C GLY A 245 -3.53 -3.39 7.50
N GLU A 246 -4.45 -4.07 8.21
CA GLU A 246 -5.74 -3.44 8.51
C GLU A 246 -5.53 -2.26 9.47
N TYR A 247 -4.66 -2.42 10.46
CA TYR A 247 -4.41 -1.32 11.41
C TYR A 247 -3.82 -0.10 10.68
N PHE A 248 -2.90 -0.35 9.75
CA PHE A 248 -2.29 0.71 8.95
C PHE A 248 -3.40 1.49 8.20
N GLN A 249 -4.34 0.77 7.56
CA GLN A 249 -5.43 1.42 6.84
C GLN A 249 -6.39 2.18 7.76
N VAL A 250 -6.69 1.62 8.94
CA VAL A 250 -7.55 2.31 9.90
C VAL A 250 -6.92 3.66 10.26
N GLN A 251 -5.58 3.68 10.54
CA GLN A 251 -4.83 4.92 10.82
C GLN A 251 -4.97 5.87 9.63
N ASP A 252 -4.80 5.36 8.39
CA ASP A 252 -4.93 6.20 7.20
C ASP A 252 -6.32 6.83 7.12
N ASP A 253 -7.35 6.04 7.42
CA ASP A 253 -8.72 6.53 7.39
C ASP A 253 -8.96 7.65 8.38
N VAL A 254 -8.43 7.51 9.60
CA VAL A 254 -8.62 8.51 10.62
C VAL A 254 -7.90 9.80 10.21
N MET A 255 -6.68 9.66 9.68
CA MET A 255 -5.87 10.79 9.20
C MET A 255 -6.52 11.56 8.05
N ASP A 256 -7.20 10.86 7.15
CA ASP A 256 -7.92 11.51 6.04
C ASP A 256 -8.91 12.54 6.55
N CYS A 257 -9.58 12.19 7.66
CA CYS A 257 -10.59 13.04 8.24
C CYS A 257 -10.04 14.13 9.11
N PHE A 258 -9.07 13.79 10.00
CA PHE A 258 -8.64 14.73 11.04
C PHE A 258 -7.19 15.24 10.99
N THR A 259 -6.32 14.73 10.12
CA THR A 259 -4.93 15.21 10.06
C THR A 259 -4.89 16.47 9.17
N PRO A 260 -4.31 17.61 9.63
CA PRO A 260 -4.29 18.82 8.79
C PRO A 260 -3.71 18.61 7.39
N PRO A 261 -4.26 19.30 6.36
CA PRO A 261 -3.78 19.12 4.98
C PRO A 261 -2.26 19.20 4.79
N GLU A 262 -1.56 20.10 5.51
CA GLU A 262 -0.09 20.26 5.39
C GLU A 262 0.68 19.03 5.88
N GLN A 263 0.22 18.40 6.99
CA GLN A 263 0.84 17.20 7.56
C GLN A 263 0.48 15.97 6.70
N LEU A 264 -0.79 15.89 6.26
CA LEU A 264 -1.32 14.81 5.44
C LEU A 264 -0.71 14.86 4.02
N GLY A 265 -0.49 16.07 3.50
CA GLY A 265 0.08 16.29 2.18
C GLY A 265 -0.97 16.40 1.08
N LYS A 266 -2.26 16.50 1.49
CA LYS A 266 -3.43 16.60 0.62
C LYS A 266 -4.64 17.00 1.44
N VAL A 267 -5.75 17.35 0.75
CA VAL A 267 -7.02 17.63 1.39
C VAL A 267 -7.77 16.28 1.30
N GLY A 268 -8.04 15.68 2.45
CA GLY A 268 -8.75 14.41 2.52
C GLY A 268 -10.19 14.60 2.10
N THR A 269 -10.69 13.70 1.23
CA THR A 269 -12.06 13.81 0.74
C THR A 269 -12.83 12.48 0.90
N ASP A 270 -12.45 11.59 1.86
CA ASP A 270 -13.20 10.33 2.02
C ASP A 270 -14.70 10.55 2.29
N ILE A 271 -15.07 11.60 3.04
CA ILE A 271 -16.48 11.88 3.32
C ILE A 271 -17.23 12.28 2.05
N GLU A 272 -16.66 13.20 1.26
CA GLU A 272 -17.30 13.64 0.00
C GLU A 272 -17.40 12.47 -0.97
N ASP A 273 -16.40 11.59 -0.96
CA ASP A 273 -16.33 10.43 -1.81
C ASP A 273 -17.21 9.26 -1.36
N ALA A 274 -17.84 9.38 -0.17
CA ALA A 274 -18.71 8.36 0.43
C ALA A 274 -17.98 7.03 0.68
N LYS A 275 -16.69 7.10 0.99
CA LYS A 275 -15.92 5.87 1.20
C LYS A 275 -16.38 5.08 2.40
N CYS A 276 -16.23 3.75 2.31
CA CYS A 276 -16.52 2.88 3.43
C CYS A 276 -15.23 2.92 4.28
N SER A 277 -15.10 3.94 5.11
CA SER A 277 -13.96 4.17 5.97
C SER A 277 -14.20 3.55 7.35
N TRP A 278 -13.12 3.38 8.13
CA TRP A 278 -13.27 2.85 9.48
C TRP A 278 -14.17 3.78 10.29
N LEU A 279 -14.03 5.09 10.08
CA LEU A 279 -14.83 6.07 10.81
C LEU A 279 -16.32 5.93 10.53
N ALA A 280 -16.72 5.78 9.27
CA ALA A 280 -18.15 5.63 8.92
C ALA A 280 -18.72 4.31 9.48
N VAL A 281 -17.99 3.19 9.33
CA VAL A 281 -18.44 1.90 9.84
C VAL A 281 -18.57 1.93 11.37
N THR A 282 -17.54 2.48 12.06
CA THR A 282 -17.53 2.54 13.53
C THR A 282 -18.65 3.44 14.06
N PHE A 283 -18.85 4.59 13.37
CA PHE A 283 -19.92 5.49 13.74
C PHE A 283 -21.27 4.77 13.60
N LEU A 284 -21.51 4.09 12.47
CA LEU A 284 -22.78 3.38 12.27
C LEU A 284 -22.97 2.22 13.22
N GLY A 285 -21.88 1.71 13.78
CA GLY A 285 -21.90 0.63 14.75
C GLY A 285 -22.28 1.08 16.15
N LYS A 286 -22.39 2.40 16.39
CA LYS A 286 -22.77 2.86 17.73
C LYS A 286 -23.83 3.97 17.75
N ALA A 287 -24.18 4.50 16.57
CA ALA A 287 -25.11 5.62 16.48
C ALA A 287 -26.57 5.29 16.86
N ASN A 288 -27.31 6.28 17.39
CA ASN A 288 -28.74 6.06 17.63
C ASN A 288 -29.50 6.37 16.32
N ALA A 289 -30.83 6.22 16.30
CA ALA A 289 -31.61 6.46 15.09
C ALA A 289 -31.47 7.88 14.53
N ALA A 290 -31.48 8.91 15.39
CA ALA A 290 -31.34 10.29 14.90
C ALA A 290 -29.96 10.57 14.32
N GLN A 291 -28.91 10.02 14.95
CA GLN A 291 -27.53 10.18 14.47
C GLN A 291 -27.38 9.48 13.12
N VAL A 292 -27.99 8.27 12.95
CA VAL A 292 -27.91 7.55 11.67
C VAL A 292 -28.59 8.38 10.56
N ALA A 293 -29.78 8.93 10.86
CA ALA A 293 -30.52 9.76 9.91
C ALA A 293 -29.72 11.01 9.51
N GLU A 294 -29.04 11.65 10.49
CA GLU A 294 -28.23 12.84 10.19
C GLU A 294 -27.03 12.49 9.32
N PHE A 295 -26.40 11.35 9.59
CA PHE A 295 -25.28 10.89 8.77
C PHE A 295 -25.76 10.68 7.32
N LYS A 296 -26.90 9.97 7.14
CA LYS A 296 -27.44 9.68 5.80
C LYS A 296 -27.76 10.95 5.01
N ALA A 297 -28.24 11.99 5.70
CA ALA A 297 -28.57 13.27 5.06
C ALA A 297 -27.33 14.08 4.64
N ASN A 298 -26.15 13.75 5.19
CA ASN A 298 -24.96 14.55 4.90
C ASN A 298 -23.80 13.84 4.24
N TYR A 299 -23.72 12.49 4.31
CA TYR A 299 -22.56 11.76 3.79
C TYR A 299 -22.49 11.74 2.28
N GLY A 300 -21.27 11.75 1.74
CA GLY A 300 -21.07 11.63 0.30
C GLY A 300 -21.41 12.84 -0.53
N GLU A 301 -21.37 14.03 0.10
CA GLU A 301 -21.70 15.29 -0.56
C GLU A 301 -20.53 16.26 -0.49
N LYS A 302 -20.31 17.01 -1.59
CA LYS A 302 -19.23 17.98 -1.71
C LYS A 302 -19.44 19.20 -0.85
N ASP A 303 -20.71 19.59 -0.58
CA ASP A 303 -21.07 20.75 0.24
C ASP A 303 -20.26 20.75 1.54
N PRO A 304 -19.35 21.75 1.74
CA PRO A 304 -18.52 21.78 2.96
C PRO A 304 -19.30 21.80 4.29
N ALA A 305 -20.51 22.37 4.31
CA ALA A 305 -21.36 22.41 5.50
C ALA A 305 -21.81 20.98 5.84
N LYS A 306 -22.08 20.15 4.80
CA LYS A 306 -22.49 18.75 5.00
C LYS A 306 -21.33 17.91 5.50
N VAL A 307 -20.12 18.16 4.96
CA VAL A 307 -18.90 17.48 5.41
C VAL A 307 -18.67 17.83 6.88
N ALA A 308 -18.88 19.13 7.25
CA ALA A 308 -18.71 19.60 8.63
C ALA A 308 -19.67 18.91 9.60
N VAL A 309 -20.92 18.61 9.15
CA VAL A 309 -21.92 17.90 9.96
C VAL A 309 -21.37 16.47 10.22
N VAL A 310 -20.89 15.77 9.18
CA VAL A 310 -20.34 14.43 9.36
C VAL A 310 -19.16 14.42 10.35
N LYS A 311 -18.21 15.36 10.20
CA LYS A 311 -17.04 15.44 11.07
C LYS A 311 -17.45 15.71 12.51
N ARG A 312 -18.49 16.54 12.71
CA ARG A 312 -19.04 16.82 14.04
C ARG A 312 -19.68 15.54 14.60
N LEU A 313 -20.44 14.78 13.77
CA LEU A 313 -21.06 13.52 14.23
C LEU A 313 -20.01 12.54 14.73
N TYR A 314 -18.88 12.46 14.01
CA TYR A 314 -17.76 11.60 14.34
C TYR A 314 -17.12 12.03 15.67
N SER A 315 -16.84 13.35 15.82
CA SER A 315 -16.24 13.92 17.02
C SER A 315 -17.12 13.71 18.26
N LYS A 316 -18.44 13.92 18.13
CA LYS A 316 -19.42 13.75 19.22
C LYS A 316 -19.65 12.28 19.59
N ALA A 317 -19.36 11.33 18.67
CA ALA A 317 -19.56 9.89 18.89
C ALA A 317 -18.43 9.23 19.65
N ASN A 318 -17.39 10.01 19.99
CA ASN A 318 -16.21 9.56 20.75
C ASN A 318 -15.58 8.32 20.10
N LEU A 319 -15.25 8.47 18.82
CA LEU A 319 -14.62 7.41 18.05
C LEU A 319 -13.20 7.13 18.52
N GLN A 320 -12.59 8.05 19.31
CA GLN A 320 -11.28 7.84 19.92
C GLN A 320 -11.34 6.64 20.87
N ALA A 321 -12.48 6.45 21.58
CA ALA A 321 -12.68 5.32 22.50
C ALA A 321 -12.73 4.01 21.72
N ASP A 322 -13.39 4.01 20.55
CA ASP A 322 -13.43 2.79 19.72
C ASP A 322 -12.06 2.51 19.14
N PHE A 323 -11.30 3.56 18.75
CA PHE A 323 -9.96 3.35 18.20
C PHE A 323 -9.05 2.78 19.27
N ALA A 324 -9.09 3.34 20.49
CA ALA A 324 -8.29 2.84 21.61
C ALA A 324 -8.57 1.36 21.88
N ALA A 325 -9.86 0.92 21.80
CA ALA A 325 -10.21 -0.50 22.03
C ALA A 325 -9.74 -1.37 20.88
N TYR A 326 -9.85 -0.84 19.64
CA TYR A 326 -9.40 -1.58 18.46
C TYR A 326 -7.89 -1.78 18.54
N GLU A 327 -7.15 -0.70 18.84
CA GLU A 327 -5.69 -0.66 18.97
C GLU A 327 -5.22 -1.65 20.03
N ALA A 328 -5.87 -1.65 21.21
CA ALA A 328 -5.53 -2.58 22.28
C ALA A 328 -5.67 -4.04 21.82
N GLU A 329 -6.73 -4.32 21.07
CA GLU A 329 -6.96 -5.66 20.53
C GLU A 329 -5.92 -6.03 19.47
N VAL A 330 -5.57 -5.10 18.58
CA VAL A 330 -4.54 -5.36 17.57
C VAL A 330 -3.19 -5.63 18.24
N VAL A 331 -2.81 -4.78 19.23
CA VAL A 331 -1.55 -4.94 19.97
C VAL A 331 -1.48 -6.37 20.54
N ARG A 332 -2.58 -6.80 21.16
CA ARG A 332 -2.68 -8.11 21.76
C ARG A 332 -2.57 -9.26 20.72
N GLU A 333 -3.25 -9.15 19.58
CA GLU A 333 -3.21 -10.18 18.55
C GLU A 333 -1.87 -10.23 17.79
N VAL A 334 -1.26 -9.05 17.52
CA VAL A 334 0.05 -8.97 16.83
C VAL A 334 1.12 -9.60 17.73
N GLU A 335 1.08 -9.31 19.04
CA GLU A 335 2.03 -9.91 19.96
C GLU A 335 1.86 -11.44 20.04
N SER A 336 0.62 -11.95 19.96
CA SER A 336 0.37 -13.42 20.00
C SER A 336 0.94 -14.11 18.75
N LEU A 337 0.77 -13.44 17.59
CA LEU A 337 1.28 -13.98 16.34
C LEU A 337 2.79 -13.95 16.28
N ILE A 338 3.41 -12.89 16.82
CA ILE A 338 4.88 -12.82 16.90
C ILE A 338 5.39 -13.96 17.76
N GLU A 339 4.67 -14.27 18.83
CA GLU A 339 5.05 -15.40 19.68
C GLU A 339 5.00 -16.73 18.94
N GLN A 340 3.95 -16.92 18.12
CA GLN A 340 3.80 -18.13 17.33
C GLN A 340 4.95 -18.20 16.29
N LEU A 341 5.35 -17.03 15.70
CA LEU A 341 6.47 -16.92 14.74
C LEU A 341 7.83 -17.32 15.36
N LYS A 342 8.00 -17.12 16.66
CA LYS A 342 9.27 -17.47 17.33
C LYS A 342 9.54 -18.97 17.35
N VAL A 343 8.48 -19.81 17.25
CA VAL A 343 8.61 -21.30 17.28
C VAL A 343 9.57 -21.77 16.18
N LYS A 344 9.38 -21.26 14.96
CA LYS A 344 10.24 -21.64 13.84
C LYS A 344 11.36 -20.62 13.54
N SER A 345 11.18 -19.30 13.85
CA SER A 345 12.23 -18.30 13.55
C SER A 345 12.21 -17.03 14.41
N PRO A 346 13.11 -16.95 15.42
CA PRO A 346 13.22 -15.72 16.24
C PRO A 346 13.59 -14.49 15.43
N THR A 347 14.53 -14.65 14.47
CA THR A 347 14.99 -13.60 13.59
C THR A 347 13.83 -12.98 12.78
N PHE A 348 13.00 -13.83 12.16
CA PHE A 348 11.86 -13.34 11.39
C PHE A 348 10.82 -12.68 12.31
N ALA A 349 10.58 -13.27 13.50
CA ALA A 349 9.65 -12.68 14.47
C ALA A 349 10.11 -11.29 14.87
N GLU A 350 11.46 -11.08 14.99
CA GLU A 350 12.03 -9.76 15.28
C GLU A 350 11.77 -8.75 14.16
N SER A 351 11.94 -9.17 12.88
CA SER A 351 11.63 -8.25 11.78
C SER A 351 10.17 -7.82 11.82
N VAL A 352 9.26 -8.79 12.13
CA VAL A 352 7.82 -8.50 12.27
C VAL A 352 7.57 -7.49 13.45
N ALA A 353 8.28 -7.67 14.58
CA ALA A 353 8.18 -6.70 15.69
C ALA A 353 8.61 -5.28 15.27
N VAL A 354 9.67 -5.16 14.44
CA VAL A 354 10.15 -3.88 13.90
C VAL A 354 9.08 -3.25 12.99
N VAL A 355 8.52 -4.06 12.07
CA VAL A 355 7.49 -3.65 11.14
C VAL A 355 6.27 -3.12 11.91
N TRP A 356 5.87 -3.87 12.95
CA TRP A 356 4.77 -3.47 13.81
C TRP A 356 5.07 -2.15 14.54
N GLU A 357 6.26 -2.02 15.16
CA GLU A 357 6.67 -0.79 15.88
C GLU A 357 6.62 0.45 14.97
N LYS A 358 7.14 0.34 13.72
CA LYS A 358 7.16 1.42 12.72
C LYS A 358 5.74 1.81 12.26
N THR A 359 4.81 0.84 12.21
CA THR A 359 3.41 1.06 11.84
C THR A 359 2.67 1.75 13.01
N HIS A 360 2.73 1.15 14.21
CA HIS A 360 2.03 1.58 15.43
C HIS A 360 2.42 2.97 15.89
N LYS A 361 3.70 3.33 15.72
CA LYS A 361 4.28 4.61 16.14
C LYS A 361 4.65 5.52 14.96
N ARG A 362 3.82 5.56 13.87
CA ARG A 362 4.09 6.43 12.72
C ARG A 362 3.39 7.79 12.83
C1 JMK B . -10.68 17.98 16.55
C3 JMK B . -10.72 18.23 15.06
C11 JMK B . -13.35 18.35 14.55
C12 JMK B . -10.16 12.37 16.59
C16 JMK B . -9.09 14.50 17.11
C17 JMK B . -11.62 14.27 16.92
C18 JMK B . -9.18 10.36 16.61
C19 JMK B . -10.48 10.02 16.27
C20 JMK B . -9.23 15.93 16.53
C21 JMK B . -11.67 15.70 16.33
C22 JMK B . -8.18 9.39 16.77
C23 JMK B . -10.87 8.70 16.03
C24 JMK B . -8.55 8.05 16.51
C25 JMK B . -9.87 7.72 16.14
N2 JMK B . -10.55 16.52 16.85
C4 JMK B . -11.99 18.40 14.25
C5 JMK B . -11.49 18.64 12.98
N6 JMK B . -10.15 18.60 12.99
C7 JMK B . -9.69 18.38 14.20
C8 JMK B . -12.36 18.85 11.90
C9 JMK B . -13.74 18.82 12.17
C10 JMK B . -14.24 18.56 13.46
N13 JMK B . -10.27 13.66 16.82
N14 JMK B . -9.08 11.68 16.81
S15 JMK B . -11.58 11.37 16.22
ZN ZN C . -6.92 7.20 2.58
ZN ZN D . -8.58 5.41 -4.56
S SO4 E . 5.44 5.18 2.09
O1 SO4 E . 5.70 6.55 2.48
O2 SO4 E . 5.25 5.03 0.63
O3 SO4 E . 4.26 4.73 2.77
O4 SO4 E . 6.58 4.33 2.53
S SO4 F . 18.69 -8.27 -20.13
O1 SO4 F . 19.38 -9.47 -20.60
O2 SO4 F . 19.61 -7.13 -20.17
O3 SO4 F . 17.54 -7.99 -20.99
O4 SO4 F . 18.25 -8.48 -18.76
#